data_2Z4Q
#
_entry.id   2Z4Q
#
_cell.length_a   126.600
_cell.length_b   126.600
_cell.length_c   68.278
_cell.angle_alpha   90.00
_cell.angle_beta   90.00
_cell.angle_gamma   120.00
#
_symmetry.space_group_name_H-M   'P 62'
#
loop_
_entity.id
_entity.type
_entity.pdbx_description
1 polymer 'anti egfr antibody fab, light chain'
2 polymer 'anti egfr antibody fab, heavy chain'
3 non-polymer 'CADMIUM ION'
4 non-polymer 'CHLORIDE ION'
5 water water
#
loop_
_entity_poly.entity_id
_entity_poly.type
_entity_poly.pdbx_seq_one_letter_code
_entity_poly.pdbx_strand_id
1 'polypeptide(L)'
;DILMTQTPLSLPVSLGDQASISCRSSQNIVHNNGITYLEWYLQRPGQSPKLLIYKVSDRFSGVPDRFSGSGSGTDFTLKI
SRVEAEDLGIYYCFQGSHIPPTFGGGTKLEIKRADAAPTVSIFPPSSEQLTSGGASVVCFLNNFYPRDINVKWKIDGSER
QNGVLNSWTDQDSKDSTYSMSSTLTLTKDEYERHNSYTCEATHKTSTSPIVKSFNRNEC
;
A
2 'polypeptide(L)'
;QVQLQQSGSEMARPGASVKLPCKASGDTFTSYWMHWVKQRHGHGPEWIGNIYPGSGGTNYAEKFKNKVTLTVDRSSRTVY
MHLSRLTSEDSAVYYCTRSGGPYFFDYWGQGTSLTVSSAKTTAPSVYPLAPVCGDTTGSSVTLGCLVKGYFPEPVTLTWN
SGSLSSGVHTFPAVLQSDLYTLSSSVTVTSSTWPSQSITCNVAHPASSTKVDKKIEPR
;
B
#
loop_
_chem_comp.id
_chem_comp.type
_chem_comp.name
_chem_comp.formula
CD non-polymer 'CADMIUM ION' 'Cd 2'
CL non-polymer 'CHLORIDE ION' 'Cl -1'
#
# COMPACT_ATOMS: atom_id res chain seq x y z
N ASP A 1 -12.13 -27.22 5.16
CA ASP A 1 -12.02 -25.78 5.52
C ASP A 1 -13.26 -25.00 5.12
N ILE A 2 -13.70 -24.10 5.99
CA ILE A 2 -14.87 -23.28 5.71
C ILE A 2 -14.51 -22.22 4.68
N LEU A 3 -15.24 -22.24 3.56
CA LEU A 3 -15.03 -21.28 2.49
C LEU A 3 -15.93 -20.07 2.74
N MET A 4 -15.31 -18.89 2.80
CA MET A 4 -16.04 -17.64 3.03
C MET A 4 -16.16 -16.88 1.70
N THR A 5 -17.37 -16.88 1.13
CA THR A 5 -17.62 -16.18 -0.14
C THR A 5 -18.19 -14.80 0.13
N GLN A 6 -17.42 -13.79 -0.29
CA GLN A 6 -17.78 -12.40 -0.10
C GLN A 6 -18.08 -11.68 -1.43
N THR A 7 -19.15 -10.90 -1.44
CA THR A 7 -19.56 -10.13 -2.62
C THR A 7 -20.13 -8.78 -2.17
N PRO A 8 -19.99 -7.73 -3.00
CA PRO A 8 -19.33 -7.76 -4.30
C PRO A 8 -17.81 -7.60 -4.16
N LEU A 9 -17.10 -7.76 -5.26
CA LEU A 9 -15.65 -7.61 -5.29
C LEU A 9 -15.31 -6.13 -5.13
N SER A 10 -16.10 -5.29 -5.79
CA SER A 10 -15.91 -3.84 -5.79
C SER A 10 -17.24 -3.19 -5.40
N LEU A 11 -17.18 -2.16 -4.58
CA LEU A 11 -18.39 -1.48 -4.14
C LEU A 11 -18.25 0.04 -4.20
N PRO A 12 -18.73 0.67 -5.27
CA PRO A 12 -18.63 2.14 -5.41
C PRO A 12 -19.84 2.73 -4.68
N VAL A 13 -19.62 3.59 -3.69
CA VAL A 13 -20.74 4.15 -2.96
C VAL A 13 -20.61 5.64 -2.69
N SER A 14 -21.71 6.36 -2.88
CA SER A 14 -21.73 7.81 -2.67
C SER A 14 -21.62 8.14 -1.18
N LEU A 15 -20.91 9.21 -0.88
CA LEU A 15 -20.78 9.68 0.48
C LEU A 15 -22.20 9.90 0.95
N GLY A 16 -22.50 9.42 2.16
CA GLY A 16 -23.84 9.59 2.69
C GLY A 16 -24.78 8.45 2.38
N ASP A 17 -24.45 7.63 1.39
CA ASP A 17 -25.30 6.49 1.03
C ASP A 17 -24.97 5.27 1.89
N GLN A 18 -25.78 4.24 1.76
CA GLN A 18 -25.55 3.03 2.53
C GLN A 18 -24.81 1.97 1.73
N ALA A 19 -23.84 1.32 2.37
CA ALA A 19 -23.07 0.28 1.71
C ALA A 19 -23.48 -1.06 2.32
N SER A 20 -23.63 -2.07 1.48
CA SER A 20 -24.01 -3.39 1.96
C SER A 20 -23.08 -4.47 1.40
N ILE A 21 -22.37 -5.16 2.30
CA ILE A 21 -21.42 -6.21 1.90
C ILE A 21 -21.88 -7.56 2.40
N SER A 22 -21.94 -8.54 1.50
CA SER A 22 -22.38 -9.88 1.83
C SER A 22 -21.29 -10.94 1.93
N CYS A 23 -21.53 -11.92 2.79
CA CYS A 23 -20.57 -13.00 3.01
C CYS A 23 -21.32 -14.28 3.35
N ARG A 24 -21.04 -15.34 2.63
CA ARG A 24 -21.70 -16.61 2.91
C ARG A 24 -20.66 -17.68 3.23
N SER A 25 -20.92 -18.45 4.28
CA SER A 25 -20.02 -19.51 4.68
C SER A 25 -20.47 -20.80 4.00
N SER A 26 -19.51 -21.67 3.67
CA SER A 26 -19.83 -22.93 3.03
C SER A 26 -20.53 -23.88 3.99
N GLN A 27 -20.47 -23.56 5.29
CA GLN A 27 -21.11 -24.39 6.31
C GLN A 27 -21.41 -23.62 7.59
N ASN A 28 -22.13 -24.27 8.50
CA ASN A 28 -22.48 -23.68 9.79
C ASN A 28 -21.20 -23.26 10.49
N ILE A 29 -21.21 -22.09 11.11
CA ILE A 29 -20.03 -21.63 11.81
C ILE A 29 -20.33 -21.27 13.27
N VAL A 30 -21.27 -21.97 13.87
CA VAL A 30 -21.58 -21.73 15.28
C VAL A 30 -20.68 -22.65 16.08
N HIS A 31 -19.80 -22.06 16.90
CA HIS A 31 -18.90 -22.85 17.71
C HIS A 31 -19.72 -23.70 18.69
N ASN A 32 -19.11 -24.74 19.24
CA ASN A 32 -19.84 -25.59 20.17
C ASN A 32 -20.35 -24.81 21.39
N ASN A 33 -19.67 -23.73 21.74
CA ASN A 33 -20.10 -22.93 22.88
C ASN A 33 -21.28 -22.04 22.53
N GLY A 34 -21.82 -22.24 21.33
CA GLY A 34 -22.96 -21.46 20.90
C GLY A 34 -22.63 -20.11 20.28
N ILE A 35 -21.36 -19.71 20.28
CA ILE A 35 -20.98 -18.42 19.71
C ILE A 35 -20.52 -18.51 18.24
N THR A 36 -21.03 -17.58 17.43
CA THR A 36 -20.66 -17.53 16.03
C THR A 36 -19.55 -16.49 15.86
N TYR A 37 -18.33 -16.96 15.65
CA TYR A 37 -17.20 -16.06 15.50
C TYR A 37 -17.03 -15.47 14.12
N LEU A 38 -18.06 -14.76 13.66
CA LEU A 38 -18.01 -14.11 12.35
C LEU A 38 -17.59 -12.68 12.63
N GLU A 39 -16.52 -12.25 11.97
CA GLU A 39 -16.00 -10.91 12.16
C GLU A 39 -15.77 -10.19 10.85
N TRP A 40 -15.73 -8.85 10.91
CA TRP A 40 -15.49 -8.02 9.74
C TRP A 40 -14.27 -7.13 10.02
N TYR A 41 -13.35 -7.09 9.08
CA TYR A 41 -12.13 -6.29 9.21
C TYR A 41 -12.10 -5.26 8.10
N LEU A 42 -11.37 -4.17 8.33
CA LEU A 42 -11.21 -3.13 7.33
C LEU A 42 -9.72 -2.85 7.24
N GLN A 43 -9.18 -2.94 6.03
CA GLN A 43 -7.75 -2.70 5.83
C GLN A 43 -7.48 -1.63 4.77
N ARG A 44 -6.64 -0.66 5.13
CA ARG A 44 -6.24 0.38 4.19
C ARG A 44 -4.95 -0.13 3.57
N PRO A 45 -4.70 0.19 2.30
CA PRO A 45 -3.47 -0.28 1.65
C PRO A 45 -2.22 0.06 2.47
N GLY A 46 -1.34 -0.91 2.61
CA GLY A 46 -0.10 -0.69 3.35
C GLY A 46 -0.22 -0.75 4.86
N GLN A 47 -1.41 -1.05 5.36
CA GLN A 47 -1.61 -1.14 6.81
C GLN A 47 -2.21 -2.49 7.17
N SER A 48 -2.12 -2.81 8.45
CA SER A 48 -2.66 -4.05 8.99
C SER A 48 -4.18 -3.92 9.12
N PRO A 49 -4.90 -5.04 9.00
CA PRO A 49 -6.37 -5.02 9.10
C PRO A 49 -6.81 -4.52 10.47
N LYS A 50 -7.99 -3.92 10.54
CA LYS A 50 -8.54 -3.45 11.80
C LYS A 50 -9.88 -4.14 12.03
N LEU A 51 -10.10 -4.59 13.26
CA LEU A 51 -11.33 -5.27 13.61
C LEU A 51 -12.45 -4.27 13.78
N LEU A 52 -13.59 -4.53 13.12
CA LEU A 52 -14.73 -3.62 13.24
C LEU A 52 -15.90 -4.26 13.95
N ILE A 53 -16.31 -5.44 13.48
CA ILE A 53 -17.43 -6.17 14.04
C ILE A 53 -16.97 -7.57 14.46
N TYR A 54 -17.44 -8.03 15.62
CA TYR A 54 -17.08 -9.36 16.10
C TYR A 54 -18.35 -10.03 16.62
N LYS A 55 -18.35 -11.36 16.66
CA LYS A 55 -19.50 -12.12 17.11
C LYS A 55 -20.75 -11.70 16.32
N VAL A 56 -20.58 -11.62 15.00
CA VAL A 56 -21.63 -11.26 14.06
C VAL A 56 -22.13 -9.82 14.07
N SER A 57 -22.49 -9.31 15.25
CA SER A 57 -23.05 -7.97 15.33
C SER A 57 -22.53 -7.04 16.41
N ASP A 58 -21.45 -7.42 17.10
CA ASP A 58 -20.90 -6.57 18.15
C ASP A 58 -19.84 -5.65 17.56
N ARG A 59 -19.95 -4.37 17.87
CA ARG A 59 -18.99 -3.37 17.38
C ARG A 59 -17.78 -3.30 18.28
N PHE A 60 -16.59 -3.40 17.69
CA PHE A 60 -15.38 -3.32 18.48
C PHE A 60 -15.29 -1.91 19.05
N SER A 61 -14.52 -1.75 20.13
CA SER A 61 -14.37 -0.45 20.77
C SER A 61 -13.88 0.65 19.83
N GLY A 62 -14.64 1.75 19.77
CA GLY A 62 -14.25 2.86 18.92
C GLY A 62 -14.87 2.89 17.54
N VAL A 63 -15.59 1.83 17.18
CA VAL A 63 -16.21 1.76 15.87
C VAL A 63 -17.57 2.47 15.87
N PRO A 64 -17.77 3.42 14.94
CA PRO A 64 -19.00 4.20 14.78
C PRO A 64 -20.22 3.31 14.65
N ASP A 65 -21.33 3.72 15.24
CA ASP A 65 -22.54 2.92 15.18
C ASP A 65 -23.19 2.83 13.80
N ARG A 66 -22.63 3.53 12.82
CA ARG A 66 -23.20 3.44 11.48
C ARG A 66 -22.73 2.14 10.85
N PHE A 67 -21.82 1.45 11.52
CA PHE A 67 -21.34 0.13 11.06
C PHE A 67 -22.22 -0.88 11.76
N SER A 68 -22.84 -1.76 10.98
CA SER A 68 -23.74 -2.75 11.54
C SER A 68 -23.60 -4.12 10.89
N GLY A 69 -23.51 -5.14 11.72
CA GLY A 69 -23.38 -6.50 11.21
C GLY A 69 -24.60 -7.32 11.58
N SER A 70 -24.98 -8.25 10.71
CA SER A 70 -26.14 -9.09 10.96
C SER A 70 -26.01 -10.40 10.22
N GLY A 71 -26.98 -11.29 10.42
CA GLY A 71 -26.95 -12.57 9.73
C GLY A 71 -26.92 -13.77 10.65
N SER A 72 -27.07 -14.94 10.04
CA SER A 72 -27.05 -16.21 10.77
C SER A 72 -27.05 -17.34 9.73
N GLY A 73 -26.79 -18.55 10.19
CA GLY A 73 -26.76 -19.68 9.28
C GLY A 73 -25.51 -19.63 8.44
N THR A 74 -25.66 -19.33 7.15
CA THR A 74 -24.52 -19.26 6.26
C THR A 74 -24.47 -17.90 5.54
N ASP A 75 -25.36 -16.99 5.92
CA ASP A 75 -25.39 -15.67 5.29
C ASP A 75 -25.21 -14.55 6.31
N PHE A 76 -24.26 -13.68 6.04
CA PHE A 76 -23.96 -12.57 6.92
C PHE A 76 -23.84 -11.29 6.12
N THR A 77 -24.16 -10.16 6.75
CA THR A 77 -24.12 -8.88 6.06
C THR A 77 -23.53 -7.75 6.90
N LEU A 78 -22.70 -6.94 6.26
CA LEU A 78 -22.12 -5.77 6.93
C LEU A 78 -22.73 -4.57 6.23
N LYS A 79 -23.36 -3.70 7.01
CA LYS A 79 -23.97 -2.51 6.45
C LYS A 79 -23.33 -1.27 7.02
N ILE A 80 -23.06 -0.31 6.16
CA ILE A 80 -22.47 0.95 6.58
C ILE A 80 -23.45 2.02 6.16
N SER A 81 -24.12 2.64 7.12
CA SER A 81 -25.07 3.70 6.79
C SER A 81 -24.28 5.00 6.74
N ARG A 82 -24.73 5.95 5.93
CA ARG A 82 -24.05 7.24 5.84
C ARG A 82 -22.54 7.08 5.61
N VAL A 83 -22.15 6.43 4.53
CA VAL A 83 -20.74 6.24 4.25
C VAL A 83 -19.96 7.56 4.31
N GLU A 84 -18.77 7.52 4.90
CA GLU A 84 -17.92 8.70 5.00
C GLU A 84 -16.59 8.42 4.31
N ALA A 85 -15.88 9.49 3.96
CA ALA A 85 -14.60 9.39 3.27
C ALA A 85 -13.61 8.39 3.87
N GLU A 86 -13.53 8.39 5.20
CA GLU A 86 -12.60 7.51 5.92
C GLU A 86 -12.97 6.02 5.95
N ASP A 87 -14.11 5.66 5.38
CA ASP A 87 -14.54 4.27 5.35
C ASP A 87 -13.90 3.46 4.21
N LEU A 88 -13.10 4.11 3.37
CA LEU A 88 -12.48 3.43 2.25
C LEU A 88 -11.53 2.30 2.62
N GLY A 89 -11.33 1.38 1.68
CA GLY A 89 -10.43 0.28 1.90
C GLY A 89 -11.08 -1.03 1.54
N ILE A 90 -10.46 -2.13 1.93
CA ILE A 90 -11.00 -3.44 1.63
C ILE A 90 -11.55 -4.08 2.91
N TYR A 91 -12.79 -4.53 2.83
CA TYR A 91 -13.43 -5.19 3.95
C TYR A 91 -13.34 -6.69 3.75
N TYR A 92 -13.05 -7.41 4.82
CA TYR A 92 -12.96 -8.86 4.77
C TYR A 92 -13.84 -9.46 5.86
N CYS A 93 -14.63 -10.48 5.51
CA CYS A 93 -15.38 -11.15 6.55
C CYS A 93 -14.41 -12.23 7.04
N PHE A 94 -14.69 -12.79 8.20
CA PHE A 94 -13.80 -13.79 8.80
C PHE A 94 -14.58 -14.70 9.74
N GLN A 95 -14.24 -15.99 9.72
CA GLN A 95 -14.87 -16.96 10.62
C GLN A 95 -13.76 -17.58 11.44
N GLY A 96 -13.93 -17.58 12.76
CA GLY A 96 -12.94 -18.17 13.64
C GLY A 96 -13.53 -19.28 14.48
N SER A 97 -14.68 -19.79 14.06
CA SER A 97 -15.36 -20.86 14.77
C SER A 97 -14.75 -22.22 14.47
N HIS A 98 -14.23 -22.37 13.26
CA HIS A 98 -13.62 -23.63 12.84
C HIS A 98 -12.18 -23.41 12.42
N ILE A 99 -11.34 -24.38 12.75
CA ILE A 99 -9.93 -24.33 12.41
C ILE A 99 -9.73 -25.05 11.08
N PRO A 100 -8.97 -24.45 10.16
CA PRO A 100 -8.30 -23.15 10.26
C PRO A 100 -9.25 -21.95 10.12
N PRO A 101 -8.92 -20.83 10.79
CA PRO A 101 -9.78 -19.64 10.68
C PRO A 101 -9.63 -19.18 9.23
N THR A 102 -10.72 -18.74 8.60
CA THR A 102 -10.63 -18.30 7.21
C THR A 102 -11.26 -16.92 6.94
N PHE A 103 -10.70 -16.22 5.95
CA PHE A 103 -11.16 -14.89 5.57
C PHE A 103 -11.85 -14.92 4.21
N GLY A 104 -12.71 -13.94 3.97
CA GLY A 104 -13.37 -13.83 2.68
C GLY A 104 -12.39 -13.20 1.72
N GLY A 105 -12.73 -13.19 0.43
CA GLY A 105 -11.85 -12.62 -0.57
C GLY A 105 -11.72 -11.10 -0.53
N GLY A 106 -12.61 -10.43 0.20
CA GLY A 106 -12.53 -8.99 0.30
C GLY A 106 -13.43 -8.18 -0.63
N THR A 107 -13.85 -7.02 -0.14
CA THR A 107 -14.70 -6.10 -0.90
C THR A 107 -14.05 -4.73 -0.84
N LYS A 108 -13.62 -4.20 -1.99
CA LYS A 108 -12.98 -2.89 -2.01
C LYS A 108 -14.02 -1.80 -2.12
N LEU A 109 -14.14 -1.00 -1.07
CA LEU A 109 -15.11 0.08 -1.05
C LEU A 109 -14.50 1.35 -1.64
N GLU A 110 -15.08 1.82 -2.74
CA GLU A 110 -14.64 3.05 -3.38
C GLU A 110 -15.64 4.15 -3.07
N ILE A 111 -15.14 5.28 -2.59
CA ILE A 111 -16.01 6.39 -2.25
C ILE A 111 -16.31 7.24 -3.49
N LYS A 112 -17.59 7.46 -3.76
CA LYS A 112 -17.99 8.29 -4.90
C LYS A 112 -18.07 9.73 -4.40
N ARG A 113 -17.44 10.65 -5.13
CA ARG A 113 -17.48 12.06 -4.76
C ARG A 113 -17.72 12.86 -6.04
N ALA A 114 -17.76 14.18 -5.93
CA ALA A 114 -17.99 15.01 -7.11
C ALA A 114 -16.79 14.94 -8.04
N ASP A 115 -17.02 15.18 -9.32
CA ASP A 115 -15.95 15.15 -10.30
C ASP A 115 -14.92 16.22 -9.97
N ALA A 116 -13.65 15.90 -10.20
CA ALA A 116 -12.58 16.86 -9.95
C ALA A 116 -11.49 16.69 -11.00
N ALA A 117 -11.08 17.80 -11.61
CA ALA A 117 -10.05 17.79 -12.63
C ALA A 117 -8.67 17.60 -12.00
N PRO A 118 -7.73 16.98 -12.73
CA PRO A 118 -6.41 16.80 -12.15
C PRO A 118 -5.59 18.09 -12.23
N THR A 119 -4.59 18.20 -11.35
CA THR A 119 -3.67 19.33 -11.35
C THR A 119 -2.45 18.67 -11.98
N VAL A 120 -2.06 19.11 -13.17
CA VAL A 120 -0.95 18.49 -13.86
C VAL A 120 0.35 19.28 -13.80
N SER A 121 1.44 18.56 -13.54
CA SER A 121 2.77 19.14 -13.45
C SER A 121 3.73 18.26 -14.24
N ILE A 122 4.57 18.87 -15.06
CA ILE A 122 5.54 18.12 -15.85
C ILE A 122 6.94 18.45 -15.36
N PHE A 123 7.83 17.45 -15.35
CA PHE A 123 9.19 17.64 -14.86
C PHE A 123 10.25 17.10 -15.81
N PRO A 124 11.18 17.98 -16.26
CA PRO A 124 12.22 17.51 -17.16
C PRO A 124 13.25 16.70 -16.37
N PRO A 125 14.14 15.97 -17.07
CA PRO A 125 15.16 15.16 -16.40
C PRO A 125 16.01 16.01 -15.46
N SER A 126 16.40 15.45 -14.32
CA SER A 126 17.26 16.19 -13.40
C SER A 126 18.67 16.16 -14.00
N SER A 127 19.46 17.18 -13.73
CA SER A 127 20.82 17.24 -14.26
C SER A 127 21.63 16.03 -13.79
N GLU A 128 21.35 15.54 -12.59
CA GLU A 128 22.07 14.39 -12.08
C GLU A 128 21.82 13.14 -12.91
N GLN A 129 20.59 12.95 -13.36
CA GLN A 129 20.30 11.75 -14.15
C GLN A 129 20.94 11.86 -15.54
N LEU A 130 20.95 13.07 -16.10
CA LEU A 130 21.55 13.29 -17.41
C LEU A 130 23.02 12.92 -17.35
N THR A 131 23.70 13.34 -16.29
CA THR A 131 25.12 13.04 -16.10
C THR A 131 25.29 11.52 -16.16
N SER A 132 24.29 10.82 -15.66
CA SER A 132 24.28 9.36 -15.63
C SER A 132 24.05 8.74 -17.01
N GLY A 133 23.54 9.53 -17.95
CA GLY A 133 23.29 9.01 -19.29
C GLY A 133 21.84 8.69 -19.63
N GLY A 134 20.94 8.92 -18.67
CA GLY A 134 19.53 8.64 -18.91
C GLY A 134 18.73 9.93 -18.89
N ALA A 135 17.43 9.82 -19.21
CA ALA A 135 16.57 11.00 -19.22
C ALA A 135 15.11 10.61 -19.05
N SER A 136 14.59 10.85 -17.85
CA SER A 136 13.19 10.54 -17.55
C SER A 136 12.39 11.83 -17.42
N VAL A 137 11.27 11.91 -18.12
CA VAL A 137 10.41 13.08 -18.03
C VAL A 137 9.21 12.64 -17.19
N VAL A 138 8.92 13.39 -16.12
CA VAL A 138 7.83 13.03 -15.23
C VAL A 138 6.61 13.95 -15.26
N CYS A 139 5.44 13.33 -15.19
CA CYS A 139 4.19 14.07 -15.21
C CYS A 139 3.30 13.57 -14.06
N PHE A 140 2.89 14.49 -13.19
CA PHE A 140 2.01 14.16 -12.07
C PHE A 140 0.61 14.71 -12.36
N LEU A 141 -0.39 13.84 -12.24
CA LEU A 141 -1.80 14.20 -12.44
C LEU A 141 -2.37 13.97 -11.04
N ASN A 142 -2.51 15.06 -10.28
CA ASN A 142 -2.96 14.95 -8.90
C ASN A 142 -4.38 15.35 -8.53
N ASN A 143 -4.90 14.63 -7.55
CA ASN A 143 -6.22 14.82 -6.97
C ASN A 143 -7.37 14.97 -7.93
N PHE A 144 -7.67 13.89 -8.64
CA PHE A 144 -8.78 13.89 -9.58
C PHE A 144 -9.79 12.81 -9.26
N TYR A 145 -10.98 12.94 -9.85
CA TYR A 145 -12.04 11.96 -9.67
C TYR A 145 -13.03 12.14 -10.81
N PRO A 146 -13.49 11.04 -11.42
CA PRO A 146 -13.18 9.62 -11.14
C PRO A 146 -11.76 9.17 -11.49
N ARG A 147 -11.45 7.93 -11.12
CA ARG A 147 -10.13 7.33 -11.34
C ARG A 147 -9.70 7.13 -12.79
N ASP A 148 -10.66 6.90 -13.70
CA ASP A 148 -10.35 6.70 -15.11
C ASP A 148 -9.68 7.95 -15.65
N ILE A 149 -8.46 7.80 -16.17
CA ILE A 149 -7.75 8.93 -16.73
C ILE A 149 -6.71 8.45 -17.74
N ASN A 150 -6.42 9.28 -18.74
CA ASN A 150 -5.46 8.92 -19.75
C ASN A 150 -4.38 9.97 -19.94
N VAL A 151 -3.15 9.49 -20.14
CA VAL A 151 -2.03 10.38 -20.37
C VAL A 151 -1.39 10.01 -21.70
N LYS A 152 -1.06 11.03 -22.49
CA LYS A 152 -0.42 10.81 -23.77
C LYS A 152 0.85 11.66 -23.80
N TRP A 153 1.96 11.06 -24.20
CA TRP A 153 3.22 11.79 -24.29
C TRP A 153 3.51 12.17 -25.72
N LYS A 154 4.04 13.38 -25.89
CA LYS A 154 4.41 13.87 -27.21
C LYS A 154 5.80 14.48 -27.15
N ILE A 155 6.57 14.21 -28.20
CA ILE A 155 7.92 14.71 -28.37
C ILE A 155 7.90 15.47 -29.69
N ASP A 156 8.11 16.78 -29.61
CA ASP A 156 8.07 17.64 -30.79
C ASP A 156 6.79 17.43 -31.59
N GLY A 157 5.67 17.36 -30.88
CA GLY A 157 4.38 17.18 -31.52
C GLY A 157 3.94 15.78 -31.91
N SER A 158 4.85 14.81 -31.80
CA SER A 158 4.54 13.43 -32.18
C SER A 158 4.39 12.50 -30.98
N GLU A 159 3.32 11.69 -30.98
CA GLU A 159 3.05 10.77 -29.89
C GLU A 159 4.15 9.75 -29.65
N ARG A 160 4.38 9.44 -28.38
CA ARG A 160 5.39 8.47 -27.96
C ARG A 160 4.71 7.50 -27.00
N GLN A 161 4.67 6.22 -27.37
CA GLN A 161 4.03 5.19 -26.55
C GLN A 161 4.96 4.26 -25.80
N ASN A 162 6.18 4.08 -26.28
CA ASN A 162 7.12 3.19 -25.60
C ASN A 162 7.92 3.91 -24.52
N GLY A 163 8.39 3.15 -23.54
CA GLY A 163 9.16 3.72 -22.45
C GLY A 163 8.36 4.47 -21.40
N VAL A 164 7.06 4.18 -21.31
CA VAL A 164 6.20 4.85 -20.32
C VAL A 164 5.82 3.98 -19.13
N LEU A 165 5.95 4.54 -17.93
CA LEU A 165 5.61 3.83 -16.70
C LEU A 165 4.57 4.62 -15.92
N ASN A 166 3.36 4.06 -15.78
CA ASN A 166 2.27 4.70 -15.05
C ASN A 166 2.04 4.05 -13.70
N SER A 167 1.68 4.87 -12.72
CA SER A 167 1.40 4.36 -11.38
C SER A 167 0.35 5.24 -10.71
N TRP A 168 -0.71 4.59 -10.23
CA TRP A 168 -1.85 5.23 -9.56
C TRP A 168 -1.74 5.06 -8.04
N THR A 169 -2.03 6.13 -7.29
CA THR A 169 -2.03 6.02 -5.83
C THR A 169 -3.38 5.40 -5.46
N ASP A 170 -3.50 4.97 -4.20
CA ASP A 170 -4.76 4.42 -3.72
C ASP A 170 -5.62 5.65 -3.41
N GLN A 171 -6.94 5.48 -3.44
CA GLN A 171 -7.85 6.58 -3.17
C GLN A 171 -7.51 7.28 -1.86
N ASP A 172 -7.59 8.61 -1.88
CA ASP A 172 -7.27 9.41 -0.70
C ASP A 172 -8.32 9.23 0.40
N SER A 173 -7.87 9.00 1.62
CA SER A 173 -8.79 8.81 2.74
C SER A 173 -9.48 10.09 3.20
N LYS A 174 -9.00 11.25 2.76
CA LYS A 174 -9.62 12.51 3.14
C LYS A 174 -10.48 13.19 2.07
N ASP A 175 -9.96 13.35 0.85
CA ASP A 175 -10.75 14.00 -0.19
C ASP A 175 -11.31 13.06 -1.25
N SER A 176 -11.05 11.76 -1.09
CA SER A 176 -11.56 10.75 -2.00
C SER A 176 -11.08 10.84 -3.45
N THR A 177 -9.99 11.54 -3.69
CA THR A 177 -9.49 11.64 -5.06
C THR A 177 -8.39 10.61 -5.29
N TYR A 178 -7.91 10.57 -6.52
CA TYR A 178 -6.83 9.70 -6.93
C TYR A 178 -5.76 10.60 -7.53
N SER A 179 -4.56 10.05 -7.69
CA SER A 179 -3.45 10.76 -8.31
C SER A 179 -2.75 9.73 -9.16
N MET A 180 -2.06 10.19 -10.20
CA MET A 180 -1.37 9.27 -11.08
C MET A 180 -0.04 9.88 -11.52
N SER A 181 0.98 9.03 -11.61
CA SER A 181 2.30 9.47 -12.04
C SER A 181 2.70 8.73 -13.30
N SER A 182 3.10 9.50 -14.32
CA SER A 182 3.53 8.93 -15.59
C SER A 182 4.96 9.37 -15.89
N THR A 183 5.83 8.39 -16.17
CA THR A 183 7.23 8.68 -16.47
C THR A 183 7.68 8.15 -17.83
N LEU A 184 8.19 9.04 -18.68
CA LEU A 184 8.69 8.67 -20.00
C LEU A 184 10.22 8.61 -19.92
N THR A 185 10.78 7.42 -20.08
CA THR A 185 12.23 7.26 -20.01
C THR A 185 12.88 7.18 -21.39
N LEU A 186 13.96 7.93 -21.56
CA LEU A 186 14.70 7.97 -22.82
C LEU A 186 16.19 7.96 -22.51
N THR A 187 17.01 7.89 -23.56
CA THR A 187 18.45 7.95 -23.36
C THR A 187 18.73 9.45 -23.39
N LYS A 188 19.87 9.87 -22.87
CA LYS A 188 20.19 11.28 -22.87
C LYS A 188 20.28 11.80 -24.30
N ASP A 189 20.89 11.02 -25.20
CA ASP A 189 21.03 11.43 -26.59
C ASP A 189 19.68 11.62 -27.26
N GLU A 190 18.74 10.72 -26.98
CA GLU A 190 17.41 10.82 -27.56
C GLU A 190 16.75 12.09 -27.03
N TYR A 191 16.91 12.34 -25.74
CA TYR A 191 16.33 13.53 -25.12
C TYR A 191 16.88 14.79 -25.77
N GLU A 192 18.18 14.81 -26.04
CA GLU A 192 18.81 15.99 -26.63
C GLU A 192 18.58 16.14 -28.13
N ARG A 193 17.93 15.14 -28.71
CA ARG A 193 17.65 15.14 -30.13
C ARG A 193 16.34 15.87 -30.42
N HIS A 194 15.63 16.21 -29.34
CA HIS A 194 14.35 16.90 -29.48
C HIS A 194 14.26 18.04 -28.47
N ASN A 195 13.27 18.89 -28.61
CA ASN A 195 13.16 20.03 -27.72
C ASN A 195 11.85 20.13 -26.94
N SER A 196 10.73 19.96 -27.62
CA SER A 196 9.42 20.07 -26.98
C SER A 196 8.89 18.76 -26.39
N TYR A 197 8.59 18.76 -25.10
CA TYR A 197 8.06 17.55 -24.44
C TYR A 197 6.69 17.84 -23.83
N THR A 198 5.74 16.96 -24.10
CA THR A 198 4.37 17.18 -23.63
C THR A 198 3.61 15.98 -23.06
N CYS A 199 2.88 16.20 -21.96
CA CYS A 199 2.01 15.16 -21.44
C CYS A 199 0.62 15.78 -21.46
N GLU A 200 -0.33 15.04 -21.99
CA GLU A 200 -1.71 15.51 -22.10
C GLU A 200 -2.61 14.58 -21.31
N ALA A 201 -3.33 15.16 -20.35
CA ALA A 201 -4.23 14.38 -19.52
C ALA A 201 -5.66 14.50 -20.03
N THR A 202 -6.26 13.35 -20.34
CA THR A 202 -7.64 13.31 -20.82
C THR A 202 -8.48 12.70 -19.70
N HIS A 203 -9.38 13.51 -19.16
CA HIS A 203 -10.22 13.11 -18.05
C HIS A 203 -11.65 13.56 -18.36
N LYS A 204 -12.64 12.86 -17.83
CA LYS A 204 -14.03 13.19 -18.12
C LYS A 204 -14.45 14.61 -17.74
N THR A 205 -13.70 15.26 -16.87
CA THR A 205 -14.03 16.62 -16.47
C THR A 205 -13.88 17.64 -17.59
N SER A 206 -13.33 17.22 -18.73
CA SER A 206 -13.15 18.14 -19.84
C SER A 206 -13.10 17.45 -21.20
N THR A 207 -13.68 18.11 -22.20
CA THR A 207 -13.70 17.60 -23.56
C THR A 207 -12.29 17.65 -24.11
N SER A 208 -11.55 18.69 -23.74
CA SER A 208 -10.18 18.83 -24.21
C SER A 208 -9.20 18.45 -23.11
N PRO A 209 -8.06 17.87 -23.50
CA PRO A 209 -7.06 17.45 -22.53
C PRO A 209 -6.36 18.61 -21.85
N ILE A 210 -5.80 18.35 -20.67
CA ILE A 210 -5.04 19.35 -19.97
C ILE A 210 -3.63 19.09 -20.47
N VAL A 211 -3.03 20.11 -21.10
CA VAL A 211 -1.70 20.00 -21.68
C VAL A 211 -0.65 20.73 -20.88
N LYS A 212 0.49 20.05 -20.68
CA LYS A 212 1.62 20.60 -19.95
C LYS A 212 2.87 20.24 -20.74
N SER A 213 3.69 21.23 -21.03
CA SER A 213 4.91 20.96 -21.77
C SER A 213 6.03 21.93 -21.46
N PHE A 214 7.20 21.65 -22.01
CA PHE A 214 8.35 22.50 -21.83
C PHE A 214 9.31 22.24 -22.97
N ASN A 215 10.23 23.17 -23.16
CA ASN A 215 11.25 23.04 -24.18
C ASN A 215 12.52 22.80 -23.39
N ARG A 216 13.23 21.74 -23.76
CA ARG A 216 14.48 21.36 -23.12
C ARG A 216 15.51 22.48 -22.98
N ASN A 217 15.73 23.23 -24.05
CA ASN A 217 16.73 24.30 -24.04
C ASN A 217 16.20 25.66 -23.64
N GLU A 218 15.09 25.69 -22.92
CA GLU A 218 14.49 26.95 -22.54
C GLU A 218 14.31 27.16 -21.04
N CYS A 219 14.41 28.42 -20.62
CA CYS A 219 14.22 28.79 -19.22
C CYS A 219 13.72 30.24 -19.12
N GLN B 1 -2.96 -1.16 25.77
CA GLN B 1 -2.10 -0.55 24.72
C GLN B 1 -0.93 -1.46 24.34
N VAL B 2 -1.27 -2.70 23.96
CA VAL B 2 -0.26 -3.68 23.57
C VAL B 2 0.28 -3.38 22.18
N GLN B 3 1.51 -3.79 21.91
CA GLN B 3 2.12 -3.55 20.62
C GLN B 3 2.95 -4.73 20.13
N LEU B 4 2.66 -5.18 18.92
CA LEU B 4 3.38 -6.28 18.32
C LEU B 4 4.41 -5.66 17.39
N GLN B 5 5.68 -5.90 17.68
CA GLN B 5 6.77 -5.33 16.90
C GLN B 5 7.32 -6.30 15.87
N GLN B 6 7.21 -5.94 14.60
CA GLN B 6 7.69 -6.77 13.51
C GLN B 6 8.63 -6.00 12.61
N SER B 7 9.56 -6.71 11.98
CA SER B 7 10.49 -6.08 11.06
C SER B 7 9.74 -5.72 9.77
N GLY B 8 10.00 -4.53 9.24
CA GLY B 8 9.31 -4.08 8.03
C GLY B 8 9.42 -4.98 6.81
N SER B 9 10.60 -5.50 6.53
CA SER B 9 10.76 -6.34 5.35
C SER B 9 11.98 -7.24 5.43
N GLU B 10 12.12 -8.12 4.45
CA GLU B 10 13.25 -9.02 4.39
C GLU B 10 13.32 -9.71 3.02
N MET B 11 14.55 -10.02 2.59
CA MET B 11 14.76 -10.70 1.32
C MET B 11 15.51 -12.00 1.57
N ALA B 12 15.14 -13.03 0.83
CA ALA B 12 15.77 -14.35 0.97
C ALA B 12 15.87 -15.05 -0.39
N ARG B 13 16.82 -15.98 -0.49
CA ARG B 13 17.04 -16.71 -1.73
C ARG B 13 16.16 -17.94 -1.83
N PRO B 14 15.91 -18.42 -3.05
CA PRO B 14 15.06 -19.61 -3.22
C PRO B 14 15.74 -20.78 -2.52
N GLY B 15 14.95 -21.70 -1.99
CA GLY B 15 15.51 -22.86 -1.31
C GLY B 15 16.00 -22.57 0.10
N ALA B 16 16.17 -21.30 0.44
CA ALA B 16 16.65 -20.95 1.77
C ALA B 16 15.50 -20.89 2.78
N SER B 17 15.78 -20.32 3.94
CA SER B 17 14.79 -20.21 5.00
C SER B 17 14.94 -18.90 5.75
N VAL B 18 13.89 -18.48 6.44
CA VAL B 18 13.93 -17.25 7.23
C VAL B 18 13.25 -17.48 8.57
N LYS B 19 13.51 -16.59 9.52
CA LYS B 19 12.94 -16.68 10.85
C LYS B 19 12.51 -15.27 11.24
N LEU B 20 11.22 -14.99 11.06
CA LEU B 20 10.68 -13.67 11.35
C LEU B 20 10.22 -13.52 12.79
N PRO B 21 10.61 -12.41 13.44
CA PRO B 21 10.26 -12.11 14.83
C PRO B 21 9.02 -11.23 15.01
N CYS B 22 8.48 -11.27 16.22
CA CYS B 22 7.30 -10.49 16.61
C CYS B 22 7.41 -10.36 18.12
N LYS B 23 7.65 -9.14 18.59
CA LYS B 23 7.79 -8.91 20.02
C LYS B 23 6.51 -8.37 20.65
N ALA B 24 5.94 -9.16 21.55
CA ALA B 24 4.70 -8.78 22.22
C ALA B 24 4.97 -8.11 23.56
N SER B 25 4.96 -6.78 23.56
CA SER B 25 5.20 -6.00 24.76
C SER B 25 3.86 -5.59 25.36
N GLY B 26 3.87 -4.53 26.16
CA GLY B 26 2.64 -4.06 26.77
C GLY B 26 2.34 -4.80 28.05
N ASP B 27 2.35 -6.13 27.99
CA ASP B 27 2.08 -6.97 29.15
C ASP B 27 1.97 -8.45 28.77
N THR B 28 0.89 -9.07 29.22
CA THR B 28 0.57 -10.48 28.98
C THR B 28 1.60 -11.29 28.17
N PHE B 29 1.21 -11.68 26.95
CA PHE B 29 2.06 -12.47 26.07
C PHE B 29 1.98 -13.95 26.48
N THR B 30 1.64 -14.18 27.74
CA THR B 30 1.56 -15.54 28.27
C THR B 30 0.15 -16.13 28.15
N SER B 31 -0.85 -15.32 28.42
CA SER B 31 -2.24 -15.76 28.37
C SER B 31 -2.98 -15.39 27.08
N TYR B 32 -2.27 -15.37 25.95
CA TYR B 32 -2.87 -15.03 24.67
C TYR B 32 -2.25 -15.81 23.52
N TRP B 33 -3.09 -16.32 22.62
CA TRP B 33 -2.59 -17.04 21.46
C TRP B 33 -1.97 -16.02 20.51
N MET B 34 -0.88 -16.41 19.84
CA MET B 34 -0.23 -15.55 18.86
C MET B 34 -0.38 -16.25 17.53
N HIS B 35 -0.90 -15.53 16.54
CA HIS B 35 -1.11 -16.10 15.21
C HIS B 35 -0.24 -15.47 14.15
N TRP B 36 0.03 -16.23 13.09
CA TRP B 36 0.80 -15.74 11.97
C TRP B 36 -0.14 -15.85 10.77
N VAL B 37 -0.28 -14.73 10.06
CA VAL B 37 -1.16 -14.66 8.91
C VAL B 37 -0.43 -14.15 7.69
N LYS B 38 -0.73 -14.76 6.54
CA LYS B 38 -0.10 -14.39 5.29
C LYS B 38 -1.06 -13.62 4.40
N GLN B 39 -0.54 -12.63 3.69
CA GLN B 39 -1.38 -11.87 2.77
C GLN B 39 -0.61 -11.49 1.52
N ARG B 40 -1.13 -11.92 0.37
CA ARG B 40 -0.51 -11.59 -0.90
C ARG B 40 -1.31 -10.41 -1.42
N HIS B 41 -0.63 -9.32 -1.76
CA HIS B 41 -1.31 -8.14 -2.27
C HIS B 41 -2.45 -7.77 -1.32
N GLY B 42 -3.66 -7.63 -1.87
CA GLY B 42 -4.82 -7.30 -1.05
C GLY B 42 -5.83 -8.43 -1.00
N HIS B 43 -5.36 -9.65 -1.25
CA HIS B 43 -6.21 -10.83 -1.22
C HIS B 43 -6.67 -11.06 0.20
N GLY B 44 -7.61 -11.98 0.38
CA GLY B 44 -8.08 -12.30 1.71
C GLY B 44 -6.89 -12.89 2.44
N PRO B 45 -6.60 -12.46 3.67
CA PRO B 45 -5.45 -13.05 4.34
C PRO B 45 -5.58 -14.56 4.59
N GLU B 46 -4.46 -15.23 4.81
CA GLU B 46 -4.46 -16.68 5.01
C GLU B 46 -3.79 -17.12 6.32
N TRP B 47 -4.53 -17.84 7.16
CA TRP B 47 -4.03 -18.30 8.45
C TRP B 47 -2.93 -19.35 8.29
N ILE B 48 -1.82 -19.14 8.99
CA ILE B 48 -0.70 -20.06 8.92
C ILE B 48 -0.73 -21.03 10.10
N GLY B 49 -0.83 -20.48 11.30
CA GLY B 49 -0.88 -21.30 12.50
C GLY B 49 -0.80 -20.40 13.71
N ASN B 50 -0.79 -20.99 14.91
CA ASN B 50 -0.71 -20.22 16.14
C ASN B 50 0.16 -20.91 17.18
N ILE B 51 0.46 -20.18 18.25
CA ILE B 51 1.27 -20.71 19.33
C ILE B 51 0.87 -20.04 20.63
N TYR B 52 0.70 -20.83 21.69
CA TYR B 52 0.31 -20.32 22.99
C TYR B 52 1.58 -20.21 23.85
N PRO B 53 2.16 -19.00 23.94
CA PRO B 53 3.39 -18.76 24.71
C PRO B 53 3.33 -19.23 26.16
N GLY B 54 2.20 -19.00 26.82
CA GLY B 54 2.04 -19.39 28.20
C GLY B 54 2.47 -20.82 28.50
N SER B 55 1.72 -21.79 27.96
CA SER B 55 2.03 -23.19 28.19
C SER B 55 2.51 -23.91 26.94
N GLY B 56 3.13 -23.16 26.02
CA GLY B 56 3.59 -23.77 24.79
C GLY B 56 2.42 -24.41 24.06
N GLY B 57 2.65 -24.91 22.86
CA GLY B 57 1.58 -25.52 22.10
C GLY B 57 1.37 -24.78 20.80
N THR B 58 1.21 -25.54 19.72
CA THR B 58 1.02 -24.93 18.41
C THR B 58 0.02 -25.67 17.53
N ASN B 59 -0.51 -24.95 16.54
CA ASN B 59 -1.46 -25.49 15.58
C ASN B 59 -1.04 -24.92 14.23
N TYR B 60 -1.01 -25.75 13.20
CA TYR B 60 -0.63 -25.27 11.88
C TYR B 60 -1.68 -25.67 10.85
N ALA B 61 -1.88 -24.82 9.85
CA ALA B 61 -2.81 -25.14 8.80
C ALA B 61 -2.10 -26.24 8.02
N GLU B 62 -2.86 -27.19 7.47
CA GLU B 62 -2.26 -28.29 6.73
C GLU B 62 -1.32 -27.79 5.64
N LYS B 63 -1.74 -26.76 4.93
CA LYS B 63 -0.98 -26.17 3.85
C LYS B 63 0.43 -25.74 4.25
N PHE B 64 0.61 -25.36 5.51
CA PHE B 64 1.92 -24.92 5.99
C PHE B 64 2.51 -25.87 7.05
N LYS B 65 1.90 -27.04 7.16
CA LYS B 65 2.30 -28.06 8.12
C LYS B 65 3.79 -28.43 8.01
N ASN B 66 4.23 -28.72 6.78
CA ASN B 66 5.61 -29.11 6.53
C ASN B 66 6.57 -27.95 6.31
N LYS B 67 6.03 -26.78 6.02
CA LYS B 67 6.86 -25.61 5.72
C LYS B 67 7.12 -24.63 6.86
N VAL B 68 6.29 -24.64 7.90
CA VAL B 68 6.47 -23.69 8.99
C VAL B 68 6.61 -24.28 10.38
N THR B 69 7.39 -23.59 11.20
CA THR B 69 7.61 -23.99 12.58
C THR B 69 7.55 -22.72 13.41
N LEU B 70 6.68 -22.71 14.43
CA LEU B 70 6.56 -21.55 15.29
C LEU B 70 7.26 -21.84 16.62
N THR B 71 8.04 -20.88 17.09
CA THR B 71 8.76 -21.04 18.35
C THR B 71 8.61 -19.78 19.18
N VAL B 72 9.03 -19.84 20.43
CA VAL B 72 8.93 -18.70 21.32
C VAL B 72 10.14 -18.54 22.24
N ASP B 73 10.36 -17.31 22.68
CA ASP B 73 11.44 -16.97 23.58
C ASP B 73 10.78 -16.14 24.67
N ARG B 74 10.35 -16.82 25.72
CA ARG B 74 9.67 -16.19 26.86
C ARG B 74 10.43 -15.02 27.50
N SER B 75 11.75 -15.12 27.57
CA SER B 75 12.55 -14.06 28.18
C SER B 75 12.52 -12.74 27.41
N SER B 76 12.29 -12.82 26.10
CA SER B 76 12.23 -11.63 25.26
C SER B 76 10.82 -11.36 24.77
N ARG B 77 9.87 -12.17 25.22
CA ARG B 77 8.47 -12.03 24.81
C ARG B 77 8.38 -12.00 23.29
N THR B 78 9.13 -12.87 22.63
CA THR B 78 9.14 -12.91 21.17
C THR B 78 8.79 -14.25 20.55
N VAL B 79 7.89 -14.19 19.57
CA VAL B 79 7.48 -15.39 18.85
C VAL B 79 8.16 -15.32 17.48
N TYR B 80 8.51 -16.48 16.95
CA TYR B 80 9.18 -16.57 15.67
C TYR B 80 8.45 -17.51 14.73
N MET B 81 8.60 -17.25 13.43
CA MET B 81 7.99 -18.10 12.42
C MET B 81 9.10 -18.51 11.47
N HIS B 82 9.38 -19.81 11.44
CA HIS B 82 10.43 -20.31 10.58
C HIS B 82 9.80 -20.87 9.32
N LEU B 83 10.17 -20.30 8.17
CA LEU B 83 9.64 -20.74 6.89
C LEU B 83 10.83 -21.30 6.12
N SER B 84 10.68 -22.52 5.61
CA SER B 84 11.77 -23.18 4.89
C SER B 84 11.49 -23.48 3.42
N ARG B 85 12.52 -23.91 2.72
CA ARG B 85 12.43 -24.25 1.29
C ARG B 85 11.70 -23.14 0.52
N LEU B 86 12.08 -21.90 0.83
CA LEU B 86 11.48 -20.72 0.23
C LEU B 86 11.43 -20.71 -1.30
N THR B 87 10.26 -20.36 -1.82
CA THR B 87 10.03 -20.26 -3.26
C THR B 87 9.35 -18.92 -3.52
N SER B 88 9.25 -18.54 -4.78
CA SER B 88 8.63 -17.27 -5.15
C SER B 88 7.21 -17.14 -4.62
N GLU B 89 6.55 -18.28 -4.35
CA GLU B 89 5.19 -18.25 -3.84
C GLU B 89 5.11 -17.92 -2.36
N ASP B 90 6.27 -17.75 -1.73
CA ASP B 90 6.31 -17.40 -0.32
C ASP B 90 6.50 -15.90 -0.19
N SER B 91 6.60 -15.22 -1.33
CA SER B 91 6.76 -13.75 -1.34
C SER B 91 5.41 -13.16 -0.98
N ALA B 92 5.36 -12.47 0.16
CA ALA B 92 4.12 -11.88 0.63
C ALA B 92 4.38 -11.17 1.94
N VAL B 93 3.31 -10.71 2.58
CA VAL B 93 3.42 -10.02 3.86
C VAL B 93 2.97 -10.99 4.93
N TYR B 94 3.73 -11.05 6.03
CA TYR B 94 3.39 -11.94 7.12
C TYR B 94 3.10 -11.15 8.39
N TYR B 95 1.88 -11.28 8.87
CA TYR B 95 1.45 -10.57 10.08
C TYR B 95 1.40 -11.47 11.29
N CYS B 96 1.65 -10.89 12.45
CA CYS B 96 1.49 -11.63 13.69
C CYS B 96 0.37 -10.85 14.36
N THR B 97 -0.57 -11.57 14.94
CA THR B 97 -1.70 -10.95 15.61
C THR B 97 -2.07 -11.89 16.75
N ARG B 98 -2.99 -11.47 17.62
CA ARG B 98 -3.36 -12.31 18.75
C ARG B 98 -4.86 -12.55 18.87
N SER B 99 -5.22 -13.71 19.41
CA SER B 99 -6.62 -14.06 19.59
C SER B 99 -6.85 -14.30 21.09
N GLY B 100 -8.07 -14.03 21.52
CA GLY B 100 -8.38 -14.22 22.92
C GLY B 100 -9.59 -13.40 23.31
N GLY B 101 -10.54 -14.06 23.95
CA GLY B 101 -11.75 -13.38 24.36
C GLY B 101 -12.81 -13.61 23.30
N PRO B 102 -13.80 -12.71 23.23
CA PRO B 102 -14.89 -12.81 22.27
C PRO B 102 -14.51 -12.50 20.81
N TYR B 103 -13.25 -12.11 20.58
CA TYR B 103 -12.82 -11.78 19.23
C TYR B 103 -11.40 -12.20 18.89
N PHE B 104 -11.17 -12.42 17.59
CA PHE B 104 -9.85 -12.80 17.08
C PHE B 104 -9.18 -11.60 16.43
N PHE B 105 -7.86 -11.55 16.53
CA PHE B 105 -7.09 -10.50 15.89
C PHE B 105 -7.53 -9.07 16.16
N ASP B 106 -7.41 -8.63 17.42
CA ASP B 106 -7.78 -7.27 17.77
C ASP B 106 -6.55 -6.36 17.64
N TYR B 107 -5.36 -6.95 17.73
CA TYR B 107 -4.11 -6.21 17.59
C TYR B 107 -3.22 -6.90 16.56
N TRP B 108 -2.55 -6.11 15.74
CA TRP B 108 -1.67 -6.65 14.69
C TRP B 108 -0.30 -5.97 14.63
N GLY B 109 0.68 -6.72 14.11
CA GLY B 109 1.99 -6.14 13.93
C GLY B 109 1.89 -5.41 12.60
N GLN B 110 2.87 -4.61 12.24
CA GLN B 110 2.83 -3.88 10.97
C GLN B 110 2.94 -4.83 9.78
N GLY B 111 3.31 -6.08 10.06
CA GLY B 111 3.46 -7.05 8.99
C GLY B 111 4.86 -6.98 8.40
N THR B 112 5.43 -8.13 8.06
CA THR B 112 6.76 -8.17 7.45
C THR B 112 6.67 -8.57 5.99
N SER B 113 7.14 -7.70 5.11
CA SER B 113 7.12 -7.95 3.68
C SER B 113 8.35 -8.76 3.29
N LEU B 114 8.13 -9.99 2.86
CA LEU B 114 9.23 -10.87 2.47
C LEU B 114 9.31 -11.06 0.97
N THR B 115 10.52 -10.91 0.43
CA THR B 115 10.77 -11.08 -1.00
C THR B 115 11.72 -12.25 -1.20
N VAL B 116 11.28 -13.27 -1.92
CA VAL B 116 12.12 -14.42 -2.20
C VAL B 116 12.60 -14.27 -3.64
N SER B 117 13.90 -14.02 -3.81
CA SER B 117 14.45 -13.85 -5.14
C SER B 117 15.94 -14.15 -5.17
N SER B 118 16.44 -14.54 -6.34
CA SER B 118 17.86 -14.84 -6.51
C SER B 118 18.58 -13.65 -7.14
N ALA B 119 17.80 -12.67 -7.59
CA ALA B 119 18.34 -11.47 -8.22
C ALA B 119 19.21 -10.72 -7.21
N LYS B 120 20.12 -9.89 -7.70
CA LYS B 120 20.97 -9.16 -6.78
C LYS B 120 20.38 -7.84 -6.33
N THR B 121 20.81 -7.39 -5.16
CA THR B 121 20.36 -6.15 -4.56
C THR B 121 20.99 -4.95 -5.28
N THR B 122 20.16 -4.00 -5.67
CA THR B 122 20.63 -2.81 -6.36
C THR B 122 20.10 -1.57 -5.66
N ALA B 123 21.01 -0.72 -5.21
CA ALA B 123 20.61 0.51 -4.54
C ALA B 123 19.94 1.39 -5.59
N PRO B 124 19.02 2.27 -5.17
CA PRO B 124 18.35 3.13 -6.15
C PRO B 124 19.07 4.44 -6.44
N SER B 125 18.76 5.01 -7.59
CA SER B 125 19.30 6.31 -7.98
C SER B 125 18.16 7.24 -7.57
N VAL B 126 18.48 8.33 -6.87
CA VAL B 126 17.46 9.26 -6.40
C VAL B 126 17.63 10.62 -7.07
N TYR B 127 16.65 11.03 -7.85
CA TYR B 127 16.74 12.30 -8.55
C TYR B 127 15.75 13.35 -8.10
N PRO B 128 16.24 14.55 -7.75
CA PRO B 128 15.37 15.64 -7.30
C PRO B 128 14.67 16.21 -8.52
N LEU B 129 13.39 16.50 -8.39
CA LEU B 129 12.61 17.04 -9.49
C LEU B 129 12.07 18.43 -9.19
N ALA B 130 12.76 19.45 -9.71
CA ALA B 130 12.36 20.83 -9.53
C ALA B 130 11.45 21.21 -10.71
N PRO B 131 10.63 22.25 -10.55
CA PRO B 131 9.74 22.67 -11.64
C PRO B 131 10.50 23.04 -12.90
N VAL B 132 9.76 23.09 -14.01
CA VAL B 132 10.32 23.47 -15.29
C VAL B 132 11.05 24.80 -15.07
N CYS B 133 12.26 24.87 -15.61
CA CYS B 133 13.09 26.06 -15.49
C CYS B 133 12.38 27.30 -16.01
N GLY B 134 12.20 28.29 -15.15
CA GLY B 134 11.55 29.53 -15.54
C GLY B 134 10.04 29.50 -15.68
N ASP B 135 9.39 28.45 -15.18
CA ASP B 135 7.94 28.38 -15.30
C ASP B 135 7.30 29.48 -14.44
N THR B 136 6.11 29.92 -14.85
CA THR B 136 5.40 30.97 -14.14
C THR B 136 5.00 30.52 -12.74
N THR B 137 5.40 31.30 -11.74
CA THR B 137 5.07 30.97 -10.37
C THR B 137 3.56 31.05 -10.12
N GLY B 138 3.02 30.02 -9.45
CA GLY B 138 1.61 29.99 -9.10
C GLY B 138 1.54 30.13 -7.59
N SER B 139 0.34 30.17 -7.02
CA SER B 139 0.24 30.31 -5.57
C SER B 139 0.72 29.05 -4.85
N SER B 140 0.78 27.94 -5.59
CA SER B 140 1.27 26.69 -5.05
C SER B 140 2.32 26.15 -6.03
N VAL B 141 3.20 25.28 -5.53
CA VAL B 141 4.23 24.70 -6.36
C VAL B 141 4.32 23.21 -6.05
N THR B 142 4.56 22.40 -7.07
CA THR B 142 4.69 20.97 -6.88
C THR B 142 6.10 20.53 -7.22
N LEU B 143 6.73 19.83 -6.28
CA LEU B 143 8.08 19.32 -6.43
C LEU B 143 8.01 17.81 -6.52
N GLY B 144 9.08 17.18 -6.98
CA GLY B 144 9.06 15.74 -7.10
C GLY B 144 10.37 15.06 -6.74
N CYS B 145 10.30 13.74 -6.62
CA CYS B 145 11.45 12.92 -6.29
C CYS B 145 11.31 11.60 -7.05
N LEU B 146 12.29 11.28 -7.89
CA LEU B 146 12.26 10.04 -8.66
C LEU B 146 13.30 9.06 -8.13
N VAL B 147 12.83 7.87 -7.77
CA VAL B 147 13.68 6.82 -7.23
C VAL B 147 13.67 5.72 -8.28
N LYS B 148 14.78 5.59 -9.01
CA LYS B 148 14.84 4.65 -10.11
C LYS B 148 15.86 3.51 -10.05
N GLY B 149 15.46 2.38 -10.60
CA GLY B 149 16.32 1.21 -10.68
C GLY B 149 16.85 0.56 -9.42
N TYR B 150 15.95 0.01 -8.60
CA TYR B 150 16.37 -0.64 -7.38
C TYR B 150 15.69 -1.99 -7.22
N PHE B 151 16.29 -2.81 -6.37
CA PHE B 151 15.76 -4.14 -6.06
C PHE B 151 16.42 -4.65 -4.80
N PRO B 152 15.63 -5.26 -3.90
CA PRO B 152 14.19 -5.47 -4.05
C PRO B 152 13.41 -4.34 -3.40
N GLU B 153 12.12 -4.55 -3.22
CA GLU B 153 11.27 -3.59 -2.52
C GLU B 153 11.53 -3.95 -1.06
N PRO B 154 11.29 -3.02 -0.11
CA PRO B 154 10.80 -1.67 -0.40
C PRO B 154 11.86 -0.62 -0.15
N VAL B 155 11.48 0.63 -0.39
CA VAL B 155 12.33 1.78 -0.11
C VAL B 155 11.41 2.57 0.78
N THR B 156 11.96 3.44 1.61
CA THR B 156 11.13 4.26 2.46
C THR B 156 11.43 5.70 2.08
N LEU B 157 10.45 6.38 1.49
CA LEU B 157 10.65 7.76 1.09
C LEU B 157 9.89 8.70 2.00
N THR B 158 10.57 9.75 2.44
CA THR B 158 9.96 10.76 3.29
C THR B 158 10.42 12.13 2.78
N TRP B 159 9.75 13.18 3.24
CA TRP B 159 10.11 14.53 2.86
C TRP B 159 10.51 15.24 4.16
N ASN B 160 11.67 15.87 4.15
CA ASN B 160 12.18 16.54 5.33
C ASN B 160 12.15 15.60 6.54
N SER B 161 12.67 14.39 6.33
CA SER B 161 12.75 13.39 7.37
C SER B 161 11.42 13.02 8.01
N GLY B 162 10.33 13.17 7.26
CA GLY B 162 9.03 12.85 7.81
C GLY B 162 8.25 14.05 8.32
N SER B 163 8.92 15.19 8.48
CA SER B 163 8.28 16.41 8.96
C SER B 163 7.19 16.93 8.01
N LEU B 164 7.44 16.82 6.70
CA LEU B 164 6.49 17.29 5.70
C LEU B 164 5.70 16.09 5.21
N SER B 165 4.44 15.99 5.63
CA SER B 165 3.61 14.85 5.25
C SER B 165 2.31 15.19 4.51
N SER B 166 1.82 16.41 4.66
CA SER B 166 0.60 16.79 3.96
C SER B 166 0.96 17.28 2.56
N GLY B 167 0.05 17.09 1.61
CA GLY B 167 0.31 17.50 0.24
C GLY B 167 1.25 16.55 -0.47
N VAL B 168 1.44 15.37 0.13
CA VAL B 168 2.35 14.37 -0.41
C VAL B 168 1.67 13.19 -1.11
N HIS B 169 2.24 12.78 -2.23
CA HIS B 169 1.74 11.63 -2.97
C HIS B 169 2.91 10.76 -3.39
N THR B 170 3.04 9.62 -2.72
CA THR B 170 4.10 8.67 -3.02
C THR B 170 3.45 7.54 -3.79
N PHE B 171 3.81 7.40 -5.06
CA PHE B 171 3.22 6.38 -5.94
C PHE B 171 3.77 4.98 -5.81
N PRO B 172 2.89 3.97 -5.91
CA PRO B 172 3.30 2.57 -5.81
C PRO B 172 4.43 2.28 -6.80
N ALA B 173 5.46 1.59 -6.34
CA ALA B 173 6.58 1.25 -7.19
C ALA B 173 6.12 0.37 -8.33
N VAL B 174 6.81 0.45 -9.46
CA VAL B 174 6.47 -0.37 -10.61
C VAL B 174 7.73 -1.11 -11.05
N LEU B 175 7.56 -2.35 -11.46
CA LEU B 175 8.68 -3.17 -11.90
C LEU B 175 8.77 -3.21 -13.41
N GLN B 176 9.93 -2.83 -13.94
CA GLN B 176 10.17 -2.85 -15.38
C GLN B 176 11.64 -3.18 -15.64
N SER B 177 11.87 -4.30 -16.32
CA SER B 177 13.22 -4.74 -16.65
C SER B 177 14.00 -5.16 -15.42
N ASP B 178 13.37 -5.94 -14.56
CA ASP B 178 14.01 -6.46 -13.35
C ASP B 178 14.31 -5.44 -12.25
N LEU B 179 13.95 -4.18 -12.47
CA LEU B 179 14.21 -3.14 -11.47
C LEU B 179 12.98 -2.29 -11.17
N TYR B 180 12.86 -1.87 -9.91
CA TYR B 180 11.74 -1.04 -9.47
C TYR B 180 11.98 0.44 -9.61
N THR B 181 10.91 1.18 -9.81
CA THR B 181 10.99 2.62 -9.92
C THR B 181 9.75 3.22 -9.26
N LEU B 182 9.95 4.25 -8.45
CA LEU B 182 8.82 4.92 -7.84
C LEU B 182 9.10 6.40 -7.81
N SER B 183 8.05 7.18 -7.59
CA SER B 183 8.18 8.63 -7.54
C SER B 183 7.28 9.15 -6.44
N SER B 184 7.50 10.39 -6.06
CA SER B 184 6.72 11.04 -5.03
C SER B 184 6.62 12.51 -5.35
N SER B 185 5.46 13.10 -5.11
CA SER B 185 5.27 14.51 -5.35
C SER B 185 4.84 15.14 -4.03
N VAL B 186 5.20 16.40 -3.85
CA VAL B 186 4.81 17.14 -2.66
C VAL B 186 4.41 18.52 -3.15
N THR B 187 3.27 18.99 -2.70
CA THR B 187 2.74 20.28 -3.11
C THR B 187 2.70 21.21 -1.91
N VAL B 188 3.28 22.40 -2.06
CA VAL B 188 3.32 23.41 -1.02
C VAL B 188 3.04 24.77 -1.63
N THR B 189 2.79 25.77 -0.80
CA THR B 189 2.53 27.10 -1.32
C THR B 189 3.85 27.64 -1.84
N SER B 190 3.79 28.58 -2.77
CA SER B 190 5.02 29.14 -3.33
C SER B 190 5.79 30.00 -2.32
N SER B 191 5.19 30.24 -1.15
CA SER B 191 5.87 31.00 -0.11
C SER B 191 6.69 30.05 0.78
N THR B 192 6.46 28.76 0.62
CA THR B 192 7.20 27.76 1.39
C THR B 192 8.48 27.38 0.64
N TRP B 193 8.40 27.27 -0.68
CA TRP B 193 9.55 26.91 -1.50
C TRP B 193 9.71 27.94 -2.62
N PRO B 194 10.96 28.29 -2.98
CA PRO B 194 12.26 27.84 -2.46
C PRO B 194 12.73 28.52 -1.16
N SER B 195 11.90 29.39 -0.58
CA SER B 195 12.27 30.08 0.65
C SER B 195 12.78 29.13 1.75
N GLN B 196 12.07 28.02 1.95
CA GLN B 196 12.45 27.06 2.97
C GLN B 196 12.95 25.79 2.31
N SER B 197 13.72 25.01 3.05
CA SER B 197 14.31 23.78 2.53
C SER B 197 13.36 22.59 2.49
N ILE B 198 13.39 21.88 1.36
CA ILE B 198 12.58 20.69 1.17
C ILE B 198 13.52 19.64 0.59
N THR B 199 13.64 18.53 1.31
CA THR B 199 14.52 17.46 0.91
C THR B 199 13.81 16.12 0.87
N CYS B 200 14.20 15.32 -0.12
CA CYS B 200 13.66 13.98 -0.32
C CYS B 200 14.64 12.99 0.34
N ASN B 201 14.14 12.14 1.24
CA ASN B 201 15.00 11.17 1.91
C ASN B 201 14.57 9.77 1.48
N VAL B 202 15.51 8.98 0.98
CA VAL B 202 15.21 7.64 0.53
C VAL B 202 16.06 6.59 1.23
N ALA B 203 15.39 5.65 1.89
CA ALA B 203 16.09 4.58 2.57
C ALA B 203 15.81 3.28 1.85
N HIS B 204 16.84 2.46 1.67
CA HIS B 204 16.71 1.18 1.00
C HIS B 204 17.43 0.17 1.89
N PRO B 205 16.72 -0.43 2.85
CA PRO B 205 17.27 -1.42 3.78
C PRO B 205 18.09 -2.54 3.15
N ALA B 206 17.55 -3.18 2.11
CA ALA B 206 18.25 -4.28 1.45
C ALA B 206 19.73 -3.96 1.18
N SER B 207 20.00 -2.71 0.79
CA SER B 207 21.38 -2.31 0.50
C SER B 207 21.95 -1.37 1.56
N SER B 208 21.22 -1.19 2.65
CA SER B 208 21.67 -0.32 3.72
C SER B 208 22.04 1.09 3.23
N THR B 209 21.28 1.59 2.26
CA THR B 209 21.53 2.92 1.72
C THR B 209 20.49 3.94 2.19
N LYS B 210 20.96 5.14 2.48
CA LYS B 210 20.12 6.25 2.93
C LYS B 210 20.59 7.50 2.20
N VAL B 211 19.79 7.96 1.24
CA VAL B 211 20.15 9.13 0.45
C VAL B 211 19.18 10.30 0.61
N ASP B 212 19.73 11.51 0.63
CA ASP B 212 18.94 12.73 0.75
C ASP B 212 19.18 13.60 -0.49
N LYS B 213 18.12 14.18 -1.02
CA LYS B 213 18.23 15.06 -2.17
C LYS B 213 17.43 16.34 -1.97
N LYS B 214 18.14 17.47 -1.92
CA LYS B 214 17.53 18.77 -1.73
C LYS B 214 16.93 19.18 -3.07
N ILE B 215 15.80 19.88 -3.04
CA ILE B 215 15.17 20.35 -4.27
C ILE B 215 15.33 21.86 -4.33
N GLU B 216 15.97 22.35 -5.39
CA GLU B 216 16.16 23.78 -5.58
C GLU B 216 15.81 24.12 -7.02
N PRO B 217 15.49 25.40 -7.29
CA PRO B 217 15.13 25.83 -8.65
C PRO B 217 16.20 25.48 -9.67
N ARG B 218 15.78 25.15 -10.89
CA ARG B 218 16.73 24.83 -11.95
C ARG B 218 17.32 26.16 -12.42
CD CD C . 14.36 10.52 -32.14
CL CL D . 20.33 6.68 -28.61
CD CD E . -2.88 -10.49 -6.78
#